data_1F74
#
_entry.id   1F74
#
_cell.length_a   65.213
_cell.length_b   118.009
_cell.length_c   80.968
_cell.angle_alpha   90.00
_cell.angle_beta   90.00
_cell.angle_gamma   90.00
#
_symmetry.space_group_name_H-M   'P 21 21 2'
#
loop_
_entity.id
_entity.type
_entity.pdbx_description
1 polymer 'N-ACETYL-NEURAMINATE LYASE'
2 non-polymer '6,7,8,9-TETRAHYDROXY-5-METHYLCARBOXAMIDO-2-OXONONANOIC ACID'
3 non-polymer GLYCEROL
4 non-polymer 'CHLORIDE ION'
5 water water
#
_entity_poly.entity_id   1
_entity_poly.type   'polypeptide(L)'
_entity_poly.pdbx_seq_one_letter_code
;MRDLKGIFSALLVSFNEDGTINEKGLRQIIRHNIDKMKVDGLYVGGSTGENFMLSTEEKKEIFRIAKDEAKDQIALIAQV
GSVNLKEAVELGKYATELGYDCLSAVTPFYYKFSFPEIKHYYDTIIAETGSNMIVYSIPFLTGVNMGIEQFGELYKNPKV
LGVKFTAGDFYLLERLKKAYPNHLIWAGFDEMMLPAASLGVDGAIGSTFNVNGVRARQIFELTKAGKLKEALEIQHVTND
LIEGILANGLYLTIKELLKLEGVDAGYCREPMTSKATAEQVAKAKDLKAKFLS
;
_entity_poly.pdbx_strand_id   A,C
#
loop_
_chem_comp.id
_chem_comp.type
_chem_comp.name
_chem_comp.formula
CL non-polymer 'CHLORIDE ION' 'Cl -1'
GOL non-polymer GLYCEROL 'C3 H8 O3'
NAY non-polymer '6,7,8,9-TETRAHYDROXY-5-METHYLCARBOXAMIDO-2-OXONONANOIC ACID' 'C11 H19 N O8'
#
# COMPACT_ATOMS: atom_id res chain seq x y z
N MET A 1 3.78 26.70 16.41
CA MET A 1 3.96 27.04 14.96
C MET A 1 2.64 26.91 14.22
N ARG A 2 2.51 27.56 13.06
CA ARG A 2 1.27 27.43 12.28
C ARG A 2 1.02 25.94 12.01
N ASP A 3 -0.18 25.49 12.35
CA ASP A 3 -0.58 24.11 12.17
C ASP A 3 -0.41 23.64 10.72
N LEU A 4 0.32 22.54 10.51
CA LEU A 4 0.51 22.01 9.17
C LEU A 4 -0.26 20.72 8.93
N LYS A 5 -1.14 20.34 9.86
CA LYS A 5 -1.93 19.13 9.61
C LYS A 5 -3.05 19.38 8.63
N GLY A 6 -3.65 18.30 8.12
CA GLY A 6 -4.81 18.41 7.26
C GLY A 6 -4.60 18.31 5.76
N ILE A 7 -5.51 18.94 5.02
CA ILE A 7 -5.60 18.88 3.58
C ILE A 7 -4.87 20.03 2.89
N PHE A 8 -3.83 19.67 2.13
CA PHE A 8 -3.02 20.63 1.39
C PHE A 8 -3.13 20.33 -0.09
N SER A 9 -3.61 21.30 -0.89
CA SER A 9 -3.57 21.09 -2.32
C SER A 9 -2.14 21.36 -2.83
N ALA A 10 -1.64 20.48 -3.68
CA ALA A 10 -0.34 20.73 -4.34
C ALA A 10 -0.70 21.70 -5.48
N LEU A 11 -0.41 22.98 -5.26
CA LEU A 11 -0.80 24.04 -6.17
C LEU A 11 -0.42 23.91 -7.65
N LEU A 12 -1.43 23.99 -8.48
CA LEU A 12 -1.19 23.98 -9.92
C LEU A 12 -0.85 25.43 -10.33
N VAL A 13 -0.12 25.56 -11.43
CA VAL A 13 0.23 26.91 -11.91
C VAL A 13 -0.34 27.10 -13.30
N SER A 14 -0.85 28.31 -13.55
CA SER A 14 -1.41 28.64 -14.85
C SER A 14 -0.32 29.22 -15.77
N PHE A 15 -0.20 28.66 -16.97
CA PHE A 15 0.79 29.18 -17.90
C PHE A 15 0.11 29.72 -19.15
N ASN A 16 0.77 30.72 -19.73
CA ASN A 16 0.31 31.26 -21.01
C ASN A 16 0.71 30.30 -22.12
N GLU A 17 0.24 30.58 -23.34
CA GLU A 17 0.56 29.75 -24.49
C GLU A 17 2.06 29.70 -24.72
N ASP A 18 2.78 30.78 -24.44
CA ASP A 18 4.22 30.82 -24.63
C ASP A 18 5.01 30.25 -23.47
N GLY A 19 4.36 29.71 -22.45
CA GLY A 19 5.05 29.09 -21.33
C GLY A 19 5.29 30.03 -20.17
N THR A 20 5.05 31.33 -20.31
CA THR A 20 5.26 32.22 -19.17
C THR A 20 4.13 32.05 -18.16
N ILE A 21 4.39 32.47 -16.93
CA ILE A 21 3.38 32.38 -15.87
C ILE A 21 2.24 33.34 -16.13
N ASN A 22 1.01 32.84 -15.96
CA ASN A 22 -0.17 33.69 -16.07
C ASN A 22 -0.52 34.04 -14.63
N GLU A 23 -0.12 35.23 -14.16
CA GLU A 23 -0.32 35.59 -12.76
C GLU A 23 -1.79 35.67 -12.39
N LYS A 24 -2.63 36.25 -13.26
CA LYS A 24 -4.07 36.33 -12.95
C LYS A 24 -4.68 34.94 -12.80
N GLY A 25 -4.32 34.02 -13.70
CA GLY A 25 -4.84 32.67 -13.63
C GLY A 25 -4.33 31.96 -12.38
N LEU A 26 -3.06 32.16 -12.03
CA LEU A 26 -2.52 31.53 -10.83
C LEU A 26 -3.27 31.99 -9.58
N ARG A 27 -3.58 33.30 -9.54
CA ARG A 27 -4.35 33.83 -8.41
C ARG A 27 -5.73 33.22 -8.37
N GLN A 28 -6.36 32.96 -9.53
CA GLN A 28 -7.67 32.32 -9.54
C GLN A 28 -7.58 30.89 -9.02
N ILE A 29 -6.50 30.17 -9.35
CA ILE A 29 -6.34 28.81 -8.82
C ILE A 29 -6.23 28.84 -7.30
N ILE A 30 -5.44 29.78 -6.78
CA ILE A 30 -5.26 29.93 -5.34
C ILE A 30 -6.59 30.23 -4.65
N ARG A 31 -7.31 31.20 -5.20
CA ARG A 31 -8.62 31.57 -4.66
C ARG A 31 -9.58 30.39 -4.68
N HIS A 32 -9.60 29.63 -5.76
CA HIS A 32 -10.46 28.45 -5.85
C HIS A 32 -10.15 27.48 -4.72
N ASN A 33 -8.85 27.22 -4.49
CA ASN A 33 -8.44 26.30 -3.43
C ASN A 33 -8.85 26.77 -2.05
N ILE A 34 -8.67 28.06 -1.79
CA ILE A 34 -8.97 28.58 -0.46
C ILE A 34 -10.48 28.69 -0.23
N ASP A 35 -11.16 29.35 -1.15
CA ASP A 35 -12.57 29.65 -1.00
C ASP A 35 -13.55 28.54 -1.31
N LYS A 36 -13.22 27.67 -2.27
CA LYS A 36 -14.15 26.63 -2.69
C LYS A 36 -13.74 25.25 -2.22
N MET A 37 -12.45 24.93 -2.34
CA MET A 37 -11.95 23.63 -1.92
C MET A 37 -11.80 23.58 -0.40
N LYS A 38 -11.78 24.72 0.28
CA LYS A 38 -11.66 24.81 1.72
C LYS A 38 -10.43 24.08 2.25
N VAL A 39 -9.30 24.18 1.54
CA VAL A 39 -8.09 23.51 2.00
C VAL A 39 -7.54 24.11 3.28
N ASP A 40 -6.73 23.34 4.00
CA ASP A 40 -6.04 23.83 5.19
C ASP A 40 -4.80 24.64 4.80
N GLY A 41 -4.31 24.38 3.58
CA GLY A 41 -3.14 25.12 3.10
C GLY A 41 -2.76 24.70 1.68
N LEU A 42 -1.69 25.30 1.16
CA LEU A 42 -1.19 24.99 -0.17
C LEU A 42 0.27 24.53 -0.09
N TYR A 43 0.59 23.59 -0.96
CA TYR A 43 1.96 23.07 -1.05
C TYR A 43 2.46 23.70 -2.35
N VAL A 44 3.33 24.69 -2.26
CA VAL A 44 3.73 25.45 -3.45
C VAL A 44 5.11 25.07 -3.98
N GLY A 45 5.18 24.91 -5.30
CA GLY A 45 6.46 24.61 -5.93
C GLY A 45 6.77 23.13 -6.00
N GLY A 46 5.76 22.29 -5.87
CA GLY A 46 5.96 20.84 -5.94
C GLY A 46 5.86 20.36 -7.38
N SER A 47 5.87 19.03 -7.50
CA SER A 47 5.73 18.38 -8.80
C SER A 47 4.51 18.90 -9.55
N THR A 48 3.38 19.01 -8.85
CA THR A 48 2.10 19.42 -9.43
C THR A 48 2.13 20.84 -9.96
N GLY A 49 2.98 21.71 -9.40
CA GLY A 49 3.11 23.07 -9.91
C GLY A 49 4.01 23.16 -11.14
N GLU A 50 4.49 22.05 -11.68
CA GLU A 50 5.36 21.96 -12.84
C GLU A 50 6.67 22.66 -12.57
N ASN A 51 7.08 22.70 -11.31
CA ASN A 51 8.23 23.38 -10.78
C ASN A 51 9.54 23.07 -11.47
N PHE A 52 9.80 21.80 -11.75
CA PHE A 52 11.09 21.36 -12.27
C PHE A 52 11.34 21.73 -13.71
N MET A 53 10.33 22.24 -14.40
CA MET A 53 10.46 22.72 -15.77
C MET A 53 10.71 24.22 -15.81
N LEU A 54 10.84 24.86 -14.65
CA LEU A 54 10.96 26.31 -14.58
C LEU A 54 12.32 26.84 -14.15
N SER A 55 12.54 28.13 -14.42
CA SER A 55 13.77 28.77 -13.98
C SER A 55 13.66 29.17 -12.51
N THR A 56 14.79 29.47 -11.89
CA THR A 56 14.81 29.91 -10.49
C THR A 56 13.98 31.17 -10.35
N GLU A 57 14.08 32.09 -11.31
CA GLU A 57 13.28 33.32 -11.23
C GLU A 57 11.79 33.03 -11.33
N GLU A 58 11.39 32.08 -12.16
CA GLU A 58 9.96 31.72 -12.27
C GLU A 58 9.49 31.10 -10.97
N LYS A 59 10.33 30.24 -10.36
CA LYS A 59 9.93 29.65 -9.08
C LYS A 59 9.73 30.73 -8.03
N LYS A 60 10.61 31.73 -8.01
CA LYS A 60 10.46 32.84 -7.06
C LYS A 60 9.17 33.61 -7.35
N GLU A 61 8.85 33.84 -8.62
CA GLU A 61 7.61 34.54 -8.97
C GLU A 61 6.39 33.80 -8.43
N ILE A 62 6.38 32.48 -8.59
CA ILE A 62 5.24 31.69 -8.09
C ILE A 62 5.18 31.78 -6.58
N PHE A 63 6.30 31.72 -5.88
CA PHE A 63 6.28 31.87 -4.42
C PHE A 63 5.72 33.23 -4.02
N ARG A 64 6.13 34.29 -4.74
CA ARG A 64 5.65 35.62 -4.44
C ARG A 64 4.14 35.72 -4.63
N ILE A 65 3.68 35.28 -5.78
CA ILE A 65 2.25 35.36 -6.11
C ILE A 65 1.41 34.56 -5.12
N ALA A 66 1.83 33.32 -4.81
CA ALA A 66 1.02 32.52 -3.88
C ALA A 66 0.92 33.19 -2.53
N LYS A 67 2.02 33.72 -2.00
CA LYS A 67 1.99 34.35 -0.68
C LYS A 67 1.19 35.63 -0.72
N ASP A 68 1.31 36.39 -1.81
CA ASP A 68 0.53 37.65 -1.88
C ASP A 68 -0.96 37.39 -1.99
N GLU A 69 -1.36 36.33 -2.69
CA GLU A 69 -2.78 36.05 -2.86
C GLU A 69 -3.38 35.38 -1.64
N ALA A 70 -2.66 34.39 -1.09
CA ALA A 70 -3.16 33.66 0.07
C ALA A 70 -3.03 34.47 1.35
N LYS A 71 -2.03 35.35 1.41
CA LYS A 71 -1.75 36.15 2.59
C LYS A 71 -1.60 35.25 3.79
N ASP A 72 -2.39 35.42 4.86
CA ASP A 72 -2.24 34.54 6.01
C ASP A 72 -3.51 33.71 6.23
N GLN A 73 -4.32 33.58 5.19
CA GLN A 73 -5.58 32.87 5.34
C GLN A 73 -5.42 31.37 5.58
N ILE A 74 -4.39 30.79 4.98
CA ILE A 74 -4.14 29.35 5.09
C ILE A 74 -2.67 29.07 5.36
N ALA A 75 -2.34 27.83 5.66
CA ALA A 75 -0.94 27.43 5.85
C ALA A 75 -0.28 27.32 4.49
N LEU A 76 1.02 27.62 4.41
CA LEU A 76 1.74 27.55 3.15
C LEU A 76 3.09 26.86 3.32
N ILE A 77 3.29 25.79 2.55
CA ILE A 77 4.57 25.07 2.58
C ILE A 77 5.29 25.32 1.25
N ALA A 78 6.59 25.63 1.28
CA ALA A 78 7.32 25.87 0.03
C ALA A 78 8.27 24.72 -0.31
N GLN A 79 8.05 24.09 -1.45
CA GLN A 79 8.96 23.02 -1.89
C GLN A 79 10.10 23.73 -2.61
N VAL A 80 11.34 23.56 -2.14
CA VAL A 80 12.50 24.28 -2.66
C VAL A 80 13.62 23.34 -3.06
N GLY A 81 13.36 22.03 -3.07
CA GLY A 81 14.37 21.05 -3.43
C GLY A 81 14.77 21.19 -4.91
N SER A 82 16.01 20.74 -5.12
CA SER A 82 16.60 20.79 -6.47
C SER A 82 17.81 19.86 -6.52
N VAL A 83 18.39 19.67 -7.69
CA VAL A 83 19.62 18.89 -7.84
C VAL A 83 20.77 19.83 -7.50
N ASN A 84 20.51 21.12 -7.67
CA ASN A 84 21.41 22.21 -7.34
C ASN A 84 21.11 22.68 -5.92
N LEU A 85 21.98 22.31 -4.98
CA LEU A 85 21.84 22.69 -3.59
C LEU A 85 21.94 24.18 -3.36
N LYS A 86 22.74 24.90 -4.16
CA LYS A 86 22.84 26.36 -4.05
C LYS A 86 21.48 26.96 -4.42
N GLU A 87 20.80 26.39 -5.42
CA GLU A 87 19.48 26.85 -5.81
C GLU A 87 18.47 26.58 -4.70
N ALA A 88 18.52 25.38 -4.12
CA ALA A 88 17.63 25.05 -3.01
C ALA A 88 17.81 26.00 -1.85
N VAL A 89 19.05 26.38 -1.51
CA VAL A 89 19.28 27.33 -0.42
C VAL A 89 18.73 28.69 -0.80
N GLU A 90 18.96 29.14 -2.03
CA GLU A 90 18.43 30.43 -2.47
C GLU A 90 16.92 30.47 -2.37
N LEU A 91 16.26 29.41 -2.86
CA LEU A 91 14.79 29.36 -2.82
C LEU A 91 14.30 29.23 -1.40
N GLY A 92 15.01 28.44 -0.58
CA GLY A 92 14.61 28.30 0.83
C GLY A 92 14.70 29.65 1.53
N LYS A 93 15.76 30.41 1.26
CA LYS A 93 15.88 31.72 1.91
C LYS A 93 14.77 32.66 1.47
N TYR A 94 14.46 32.66 0.18
CA TYR A 94 13.41 33.52 -0.36
C TYR A 94 12.05 33.15 0.20
N ALA A 95 11.73 31.84 0.22
CA ALA A 95 10.43 31.43 0.79
C ALA A 95 10.36 31.76 2.27
N THR A 96 11.46 31.62 3.01
CA THR A 96 11.50 31.98 4.41
C THR A 96 11.25 33.49 4.58
N GLU A 97 11.93 34.30 3.77
CA GLU A 97 11.74 35.76 3.83
C GLU A 97 10.33 36.18 3.55
N LEU A 98 9.63 35.47 2.66
CA LEU A 98 8.25 35.75 2.31
C LEU A 98 7.27 35.33 3.41
N GLY A 99 7.71 34.50 4.35
CA GLY A 99 6.81 34.10 5.42
C GLY A 99 6.20 32.73 5.30
N TYR A 100 6.69 31.89 4.37
CA TYR A 100 6.14 30.53 4.28
C TYR A 100 6.28 29.85 5.63
N ASP A 101 5.30 29.00 5.96
CA ASP A 101 5.30 28.35 7.28
C ASP A 101 6.34 27.25 7.46
N CYS A 102 6.71 26.61 6.37
CA CYS A 102 7.70 25.53 6.42
C CYS A 102 8.27 25.30 5.03
N LEU A 103 9.46 24.71 4.96
CA LEU A 103 10.03 24.34 3.68
C LEU A 103 9.88 22.84 3.48
N SER A 104 10.01 22.38 2.25
CA SER A 104 10.00 20.95 1.99
C SER A 104 11.05 20.76 0.90
N ALA A 105 11.62 19.58 0.69
CA ALA A 105 12.55 19.48 -0.43
C ALA A 105 12.64 18.04 -0.91
N VAL A 106 12.46 17.89 -2.22
CA VAL A 106 12.60 16.56 -2.84
C VAL A 106 14.02 16.06 -2.61
N THR A 107 14.20 14.74 -2.58
CA THR A 107 15.56 14.19 -2.53
C THR A 107 16.30 14.70 -3.76
N PRO A 108 17.56 15.11 -3.66
CA PRO A 108 18.32 15.48 -4.85
C PRO A 108 18.27 14.27 -5.80
N PHE A 109 18.06 14.59 -7.08
CA PHE A 109 17.88 13.56 -8.11
C PHE A 109 18.82 13.63 -9.28
N TYR A 110 18.51 12.97 -10.38
CA TYR A 110 19.30 12.78 -11.57
C TYR A 110 20.46 11.81 -11.26
N TYR A 111 21.37 12.24 -10.40
CA TYR A 111 22.46 11.42 -9.91
C TYR A 111 21.96 10.53 -8.77
N LYS A 112 22.74 9.51 -8.46
CA LYS A 112 22.47 8.63 -7.34
C LYS A 112 23.27 9.20 -6.15
N PHE A 113 22.59 9.65 -5.11
CA PHE A 113 23.27 10.21 -3.95
C PHE A 113 23.28 9.23 -2.80
N SER A 114 24.32 9.31 -1.99
CA SER A 114 24.39 8.42 -0.82
C SER A 114 23.48 8.97 0.27
N PHE A 115 23.19 8.18 1.30
CA PHE A 115 22.39 8.70 2.40
C PHE A 115 23.05 9.87 3.10
N PRO A 116 24.33 9.81 3.44
CA PRO A 116 25.03 10.94 4.03
C PRO A 116 24.90 12.18 3.16
N GLU A 117 24.98 12.06 1.83
CA GLU A 117 24.80 13.23 0.96
C GLU A 117 23.38 13.80 1.08
N ILE A 118 22.38 12.92 1.11
CA ILE A 118 20.99 13.40 1.26
C ILE A 118 20.79 14.08 2.59
N LYS A 119 21.33 13.50 3.67
CA LYS A 119 21.21 14.14 4.97
C LYS A 119 21.93 15.47 5.02
N HIS A 120 23.11 15.60 4.40
CA HIS A 120 23.83 16.86 4.37
C HIS A 120 23.04 17.92 3.60
N TYR A 121 22.38 17.47 2.52
CA TYR A 121 21.55 18.37 1.72
C TYR A 121 20.44 19.00 2.57
N TYR A 122 19.71 18.15 3.29
CA TYR A 122 18.65 18.66 4.15
C TYR A 122 19.18 19.55 5.26
N ASP A 123 20.26 19.11 5.90
CA ASP A 123 20.86 19.88 6.99
C ASP A 123 21.38 21.23 6.50
N THR A 124 21.88 21.29 5.26
CA THR A 124 22.38 22.54 4.70
C THR A 124 21.23 23.51 4.43
N ILE A 125 20.14 23.03 3.84
CA ILE A 125 19.00 23.92 3.58
C ILE A 125 18.47 24.49 4.89
N ILE A 126 18.35 23.62 5.89
CA ILE A 126 17.88 24.06 7.21
C ILE A 126 18.83 25.07 7.83
N ALA A 127 20.13 24.74 7.87
CA ALA A 127 21.10 25.63 8.49
C ALA A 127 21.17 27.01 7.82
N GLU A 128 21.13 27.02 6.49
CA GLU A 128 21.21 28.29 5.78
C GLU A 128 19.96 29.13 5.84
N THR A 129 18.80 28.55 6.14
CA THR A 129 17.56 29.33 6.15
C THR A 129 17.01 29.57 7.54
N GLY A 130 17.27 28.63 8.43
CA GLY A 130 16.72 28.68 9.78
C GLY A 130 15.30 28.13 9.82
N SER A 131 14.79 27.58 8.73
CA SER A 131 13.42 27.11 8.66
C SER A 131 13.28 25.60 8.88
N ASN A 132 12.06 25.25 9.29
CA ASN A 132 11.73 23.83 9.46
C ASN A 132 11.63 23.18 8.08
N MET A 133 11.73 21.85 8.07
CA MET A 133 11.74 21.08 6.83
C MET A 133 10.87 19.83 6.83
N ILE A 134 10.22 19.57 5.71
CA ILE A 134 9.49 18.34 5.45
C ILE A 134 10.31 17.58 4.38
N VAL A 135 10.77 16.37 4.69
CA VAL A 135 11.56 15.62 3.73
C VAL A 135 10.66 14.77 2.85
N TYR A 136 11.28 14.09 1.89
CA TYR A 136 10.56 13.22 0.97
C TYR A 136 10.97 11.77 1.25
N SER A 137 10.11 10.84 0.86
CA SER A 137 10.43 9.43 1.00
C SER A 137 11.84 9.16 0.47
N ILE A 138 12.65 8.42 1.19
CA ILE A 138 14.01 8.11 0.71
C ILE A 138 13.92 7.04 -0.36
N PRO A 139 14.54 7.28 -1.50
CA PRO A 139 14.51 6.38 -2.63
C PRO A 139 15.50 5.24 -2.55
N PHE A 140 15.30 4.24 -3.40
CA PHE A 140 16.10 3.06 -3.56
C PHE A 140 16.39 2.28 -2.28
N LEU A 141 15.41 2.20 -1.37
CA LEU A 141 15.62 1.46 -0.14
C LEU A 141 15.59 -0.04 -0.45
N THR A 142 16.32 -0.81 0.36
CA THR A 142 16.36 -2.26 0.18
C THR A 142 15.61 -2.94 1.33
N GLY A 143 15.34 -2.17 2.39
CA GLY A 143 14.63 -2.74 3.53
C GLY A 143 14.02 -1.68 4.43
N VAL A 144 13.06 -2.11 5.24
CA VAL A 144 12.36 -1.25 6.18
C VAL A 144 13.24 -0.86 7.35
N ASN A 145 14.09 -1.76 7.83
CA ASN A 145 14.99 -1.42 8.94
C ASN A 145 15.91 -0.27 8.54
N MET A 146 16.48 -0.36 7.35
CA MET A 146 17.36 0.68 6.84
C MET A 146 16.59 1.96 6.53
N GLY A 147 15.38 1.83 6.01
CA GLY A 147 14.55 3.00 5.71
C GLY A 147 14.27 3.73 7.01
N ILE A 148 13.84 2.98 8.03
CA ILE A 148 13.57 3.56 9.34
C ILE A 148 14.81 4.14 9.98
N GLU A 149 15.94 3.45 9.84
CA GLU A 149 17.23 3.89 10.35
C GLU A 149 17.56 5.26 9.74
N GLN A 150 17.44 5.38 8.43
CA GLN A 150 17.73 6.64 7.74
C GLN A 150 16.78 7.75 8.12
N PHE A 151 15.48 7.47 8.30
CA PHE A 151 14.58 8.55 8.75
C PHE A 151 15.01 8.97 10.15
N GLY A 152 15.47 8.04 10.99
CA GLY A 152 15.97 8.36 12.31
C GLY A 152 17.12 9.36 12.25
N GLU A 153 18.04 9.11 11.31
CA GLU A 153 19.18 10.00 11.12
C GLU A 153 18.72 11.38 10.66
N LEU A 154 17.77 11.42 9.73
CA LEU A 154 17.26 12.73 9.32
C LEU A 154 16.59 13.44 10.49
N TYR A 155 15.84 12.69 11.31
CA TYR A 155 15.11 13.24 12.44
C TYR A 155 15.96 13.63 13.63
N LYS A 156 17.26 13.41 13.57
CA LYS A 156 18.19 13.88 14.60
C LYS A 156 18.23 15.41 14.54
N ASN A 157 17.95 15.96 13.36
CA ASN A 157 17.83 17.42 13.21
C ASN A 157 16.42 17.74 13.69
N PRO A 158 16.29 18.49 14.78
CA PRO A 158 15.00 18.81 15.36
C PRO A 158 14.12 19.65 14.45
N LYS A 159 14.71 20.31 13.44
CA LYS A 159 13.92 21.11 12.51
C LYS A 159 13.32 20.29 11.38
N VAL A 160 13.60 18.99 11.30
CA VAL A 160 12.94 18.13 10.33
C VAL A 160 11.65 17.66 11.01
N LEU A 161 10.51 18.10 10.45
CA LEU A 161 9.24 17.82 11.10
C LEU A 161 8.59 16.51 10.71
N GLY A 162 8.92 15.98 9.55
CA GLY A 162 8.26 14.77 9.09
C GLY A 162 8.46 14.61 7.59
N VAL A 163 7.59 13.81 6.99
CA VAL A 163 7.78 13.45 5.58
C VAL A 163 6.53 13.48 4.73
N LYS A 164 6.70 13.85 3.46
CA LYS A 164 5.64 13.77 2.45
C LYS A 164 5.87 12.37 1.85
N PHE A 165 5.01 11.44 2.22
CA PHE A 165 5.19 10.03 1.89
C PHE A 165 4.51 9.66 0.59
N THR A 166 5.33 9.33 -0.41
CA THR A 166 4.82 8.92 -1.71
C THR A 166 5.07 7.45 -1.99
N ALA A 167 5.99 6.82 -1.26
CA ALA A 167 6.28 5.40 -1.51
C ALA A 167 5.01 4.57 -1.35
N GLY A 168 4.84 3.55 -2.19
CA GLY A 168 3.67 2.68 -2.11
C GLY A 168 3.96 1.47 -1.22
N ASP A 169 4.30 1.77 0.03
CA ASP A 169 4.66 0.78 1.02
C ASP A 169 4.07 1.14 2.37
N PHE A 170 2.92 0.52 2.67
CA PHE A 170 2.19 0.80 3.90
C PHE A 170 2.78 0.07 5.09
N TYR A 171 3.66 -0.90 4.85
CA TYR A 171 4.41 -1.49 5.96
C TYR A 171 5.42 -0.45 6.44
N LEU A 172 6.16 0.16 5.50
CA LEU A 172 7.09 1.23 5.86
C LEU A 172 6.34 2.38 6.53
N LEU A 173 5.16 2.72 6.01
CA LEU A 173 4.38 3.80 6.62
C LEU A 173 4.06 3.51 8.07
N GLU A 174 3.60 2.28 8.35
CA GLU A 174 3.32 1.88 9.72
C GLU A 174 4.58 1.90 10.57
N ARG A 175 5.71 1.44 10.05
CA ARG A 175 6.95 1.41 10.82
C ARG A 175 7.41 2.82 11.18
N LEU A 176 7.18 3.77 10.28
CA LEU A 176 7.54 5.17 10.53
C LEU A 176 6.73 5.76 11.67
N LYS A 177 5.42 5.50 11.71
CA LYS A 177 4.59 5.97 12.81
C LYS A 177 4.94 5.28 14.11
N LYS A 178 5.28 3.99 14.07
CA LYS A 178 5.68 3.27 15.27
C LYS A 178 6.96 3.87 15.84
N ALA A 179 7.97 4.03 14.97
CA ALA A 179 9.27 4.49 15.42
C ALA A 179 9.29 5.92 15.89
N TYR A 180 8.69 6.82 15.12
CA TYR A 180 8.72 8.28 15.39
C TYR A 180 7.32 8.83 15.45
N PRO A 181 6.62 8.56 16.56
CA PRO A 181 5.22 8.92 16.72
C PRO A 181 4.92 10.41 16.77
N ASN A 182 5.90 11.20 17.16
CA ASN A 182 5.71 12.65 17.24
C ASN A 182 6.02 13.33 15.92
N HIS A 183 6.61 12.60 14.96
CA HIS A 183 6.90 13.18 13.66
C HIS A 183 5.70 13.04 12.74
N LEU A 184 5.54 14.01 11.86
CA LEU A 184 4.39 14.06 10.98
C LEU A 184 4.58 13.31 9.67
N ILE A 185 3.46 12.83 9.14
CA ILE A 185 3.43 12.18 7.85
C ILE A 185 2.27 12.75 7.03
N TRP A 186 2.58 13.16 5.80
CA TRP A 186 1.52 13.61 4.89
C TRP A 186 1.42 12.58 3.77
N ALA A 187 0.21 12.07 3.53
CA ALA A 187 0.02 11.11 2.43
C ALA A 187 0.17 11.83 1.10
N GLY A 188 0.84 11.21 0.15
CA GLY A 188 1.03 11.81 -1.17
C GLY A 188 0.45 10.96 -2.29
N PHE A 189 -0.66 10.29 -2.03
CA PHE A 189 -1.35 9.42 -2.99
C PHE A 189 -2.86 9.56 -2.72
N ASP A 190 -3.53 10.41 -3.48
CA ASP A 190 -4.91 10.77 -3.25
C ASP A 190 -5.87 9.60 -3.31
N GLU A 191 -5.56 8.67 -4.20
CA GLU A 191 -6.37 7.46 -4.39
C GLU A 191 -6.14 6.43 -3.28
N MET A 192 -5.19 6.65 -2.39
CA MET A 192 -4.96 5.76 -1.26
C MET A 192 -5.13 6.53 0.04
N MET A 193 -5.96 7.57 0.04
CA MET A 193 -6.15 8.38 1.25
C MET A 193 -6.74 7.60 2.40
N LEU A 194 -7.78 6.80 2.13
CA LEU A 194 -8.42 6.05 3.22
C LEU A 194 -7.47 5.13 3.98
N PRO A 195 -6.78 4.22 3.30
CA PRO A 195 -5.84 3.33 4.02
C PRO A 195 -4.73 4.12 4.68
N ALA A 196 -4.27 5.23 4.09
CA ALA A 196 -3.22 6.02 4.74
C ALA A 196 -3.74 6.64 6.03
N ALA A 197 -4.97 7.16 6.01
CA ALA A 197 -5.58 7.73 7.20
C ALA A 197 -5.85 6.66 8.26
N SER A 198 -6.08 5.43 7.85
CA SER A 198 -6.27 4.34 8.81
C SER A 198 -5.00 4.09 9.60
N LEU A 199 -3.82 4.41 9.08
CA LEU A 199 -2.53 4.23 9.71
C LEU A 199 -2.03 5.47 10.43
N GLY A 200 -2.88 6.49 10.56
CA GLY A 200 -2.55 7.66 11.35
C GLY A 200 -1.80 8.79 10.67
N VAL A 201 -1.87 8.90 9.34
CA VAL A 201 -1.18 10.06 8.74
C VAL A 201 -1.81 11.34 9.28
N ASP A 202 -1.03 12.41 9.29
CA ASP A 202 -1.47 13.69 9.85
C ASP A 202 -2.10 14.64 8.85
N GLY A 203 -2.02 14.29 7.58
CA GLY A 203 -2.62 15.13 6.55
C GLY A 203 -2.30 14.51 5.20
N ALA A 204 -2.59 15.28 4.16
CA ALA A 204 -2.36 14.79 2.80
C ALA A 204 -2.04 15.98 1.91
N ILE A 205 -1.12 15.75 0.99
CA ILE A 205 -0.72 16.74 -0.01
C ILE A 205 -1.09 16.10 -1.35
N GLY A 206 -1.94 16.74 -2.14
CA GLY A 206 -2.38 16.11 -3.38
C GLY A 206 -2.73 17.05 -4.51
N SER A 207 -2.56 16.53 -5.72
CA SER A 207 -2.91 17.31 -6.91
C SER A 207 -4.42 17.37 -7.15
N THR A 208 -5.14 16.29 -6.80
CA THR A 208 -6.57 16.29 -7.13
C THR A 208 -7.39 17.12 -6.17
N PHE A 209 -6.80 17.59 -5.08
CA PHE A 209 -7.53 18.43 -4.13
C PHE A 209 -7.82 19.79 -4.74
N ASN A 210 -7.12 20.18 -5.82
CA ASN A 210 -7.42 21.42 -6.50
C ASN A 210 -8.86 21.43 -7.03
N VAL A 211 -9.44 20.26 -7.31
CA VAL A 211 -10.81 20.15 -7.75
C VAL A 211 -11.70 19.26 -6.88
N ASN A 212 -11.13 18.34 -6.13
CA ASN A 212 -11.91 17.41 -5.31
C ASN A 212 -11.68 17.58 -3.82
N GLY A 213 -11.33 18.77 -3.36
CA GLY A 213 -11.01 19.08 -1.97
C GLY A 213 -12.15 18.77 -0.99
N VAL A 214 -13.39 18.95 -1.44
CA VAL A 214 -14.52 18.68 -0.53
C VAL A 214 -14.57 17.20 -0.18
N ARG A 215 -14.54 16.33 -1.19
CA ARG A 215 -14.53 14.89 -0.89
C ARG A 215 -13.27 14.47 -0.16
N ALA A 216 -12.11 15.02 -0.53
CA ALA A 216 -10.85 14.67 0.12
C ALA A 216 -10.93 14.92 1.62
N ARG A 217 -11.43 16.07 2.04
CA ARG A 217 -11.61 16.36 3.46
C ARG A 217 -12.58 15.37 4.11
N GLN A 218 -13.68 15.04 3.44
CA GLN A 218 -14.62 14.06 4.00
C GLN A 218 -13.98 12.70 4.22
N ILE A 219 -13.22 12.20 3.24
CA ILE A 219 -12.58 10.90 3.43
C ILE A 219 -11.68 10.91 4.66
N PHE A 220 -10.82 11.94 4.73
CA PHE A 220 -9.88 12.07 5.81
C PHE A 220 -10.54 12.15 7.18
N GLU A 221 -11.52 13.04 7.31
CA GLU A 221 -12.18 13.23 8.60
C GLU A 221 -13.06 12.04 8.98
N LEU A 222 -13.76 11.45 8.01
CA LEU A 222 -14.59 10.29 8.31
C LEU A 222 -13.71 9.11 8.72
N THR A 223 -12.58 8.93 8.04
CA THR A 223 -11.70 7.81 8.42
C THR A 223 -11.14 7.99 9.81
N LYS A 224 -10.71 9.20 10.17
CA LYS A 224 -10.21 9.48 11.51
C LYS A 224 -11.27 9.23 12.58
N ALA A 225 -12.54 9.43 12.25
CA ALA A 225 -13.66 9.18 13.14
C ALA A 225 -14.08 7.71 13.20
N GLY A 226 -13.45 6.87 12.39
CA GLY A 226 -13.75 5.45 12.31
C GLY A 226 -15.00 5.17 11.51
N LYS A 227 -15.47 6.15 10.72
CA LYS A 227 -16.66 5.97 9.90
C LYS A 227 -16.24 5.44 8.53
N LEU A 228 -15.74 4.21 8.53
CA LEU A 228 -15.20 3.57 7.33
C LEU A 228 -16.20 3.29 6.24
N LYS A 229 -17.43 2.87 6.54
CA LYS A 229 -18.39 2.63 5.48
C LYS A 229 -18.62 3.93 4.68
N GLU A 230 -18.85 5.03 5.37
CA GLU A 230 -19.08 6.30 4.68
C GLU A 230 -17.81 6.79 3.98
N ALA A 231 -16.67 6.67 4.66
CA ALA A 231 -15.42 7.11 4.01
C ALA A 231 -15.15 6.31 2.75
N LEU A 232 -15.35 5.00 2.78
CA LEU A 232 -15.11 4.15 1.62
C LEU A 232 -15.99 4.49 0.44
N GLU A 233 -17.27 4.85 0.69
CA GLU A 233 -18.13 5.24 -0.42
C GLU A 233 -17.59 6.50 -1.10
N ILE A 234 -17.10 7.44 -0.30
CA ILE A 234 -16.56 8.69 -0.86
C ILE A 234 -15.23 8.42 -1.54
N GLN A 235 -14.44 7.50 -0.99
CA GLN A 235 -13.18 7.13 -1.69
C GLN A 235 -13.49 6.44 -3.01
N HIS A 236 -14.57 5.66 -3.09
CA HIS A 236 -14.95 4.99 -4.34
C HIS A 236 -15.29 5.99 -5.42
N VAL A 237 -16.09 7.01 -5.09
CA VAL A 237 -16.47 8.03 -6.07
C VAL A 237 -15.24 8.84 -6.48
N THR A 238 -14.46 9.19 -5.46
CA THR A 238 -13.21 9.91 -5.69
C THR A 238 -12.31 9.14 -6.64
N ASN A 239 -12.18 7.82 -6.42
CA ASN A 239 -11.29 7.05 -7.30
C ASN A 239 -11.83 6.82 -8.69
N ASP A 240 -13.14 6.93 -8.89
CA ASP A 240 -13.70 6.91 -10.24
C ASP A 240 -13.22 8.17 -10.96
N LEU A 241 -13.27 9.30 -10.24
CA LEU A 241 -12.80 10.57 -10.81
C LEU A 241 -11.30 10.53 -11.05
N ILE A 242 -10.54 10.05 -10.08
CA ILE A 242 -9.07 9.98 -10.25
C ILE A 242 -8.69 9.04 -11.39
N GLU A 243 -9.37 7.89 -11.51
CA GLU A 243 -9.03 6.99 -12.61
C GLU A 243 -9.21 7.68 -13.96
N GLY A 244 -10.30 8.41 -14.10
CA GLY A 244 -10.57 9.13 -15.35
C GLY A 244 -9.53 10.22 -15.59
N ILE A 245 -9.19 10.96 -14.54
CA ILE A 245 -8.19 12.02 -14.63
C ILE A 245 -6.85 11.45 -15.11
N LEU A 246 -6.43 10.37 -14.46
CA LEU A 246 -5.15 9.75 -14.81
C LEU A 246 -5.14 9.24 -16.24
N ALA A 247 -6.23 8.64 -16.71
CA ALA A 247 -6.31 8.11 -18.06
C ALA A 247 -6.33 9.22 -19.11
N ASN A 248 -6.90 10.38 -18.76
CA ASN A 248 -7.00 11.47 -19.71
C ASN A 248 -5.79 12.39 -19.72
N GLY A 249 -4.93 12.31 -18.72
CA GLY A 249 -3.76 13.19 -18.64
C GLY A 249 -3.92 14.05 -17.38
N LEU A 250 -3.18 13.73 -16.33
CA LEU A 250 -3.34 14.36 -15.03
C LEU A 250 -3.35 15.87 -14.98
N TYR A 251 -2.26 16.49 -15.38
N TYR A 251 -2.26 16.58 -15.31
CA TYR A 251 -2.11 17.94 -15.33
CA TYR A 251 -2.29 18.04 -15.16
C TYR A 251 -3.13 18.68 -16.17
C TYR A 251 -3.19 18.73 -16.18
N LEU A 252 -3.25 18.28 -17.43
CA LEU A 252 -4.17 18.93 -18.37
C LEU A 252 -5.63 18.73 -17.95
N THR A 253 -5.97 17.54 -17.43
CA THR A 253 -7.36 17.32 -17.03
C THR A 253 -7.74 18.15 -15.81
N ILE A 254 -6.88 18.28 -14.81
CA ILE A 254 -7.25 19.10 -13.65
C ILE A 254 -7.36 20.56 -14.10
N LYS A 255 -6.48 21.00 -14.99
CA LYS A 255 -6.61 22.39 -15.46
C LYS A 255 -7.92 22.59 -16.23
N GLU A 256 -8.32 21.62 -17.04
CA GLU A 256 -9.58 21.75 -17.79
C GLU A 256 -10.76 21.73 -16.82
N LEU A 257 -10.68 20.90 -15.78
CA LEU A 257 -11.77 20.89 -14.80
C LEU A 257 -11.87 22.26 -14.13
N LEU A 258 -10.74 22.90 -13.81
CA LEU A 258 -10.73 24.22 -13.21
C LEU A 258 -11.30 25.24 -14.20
N LYS A 259 -10.98 25.14 -15.49
CA LYS A 259 -11.49 26.04 -16.52
C LYS A 259 -13.01 26.02 -16.62
N LEU A 260 -13.62 24.85 -16.39
CA LEU A 260 -15.07 24.68 -16.46
C LEU A 260 -15.75 25.34 -15.26
N GLU A 261 -15.02 25.62 -14.19
CA GLU A 261 -15.53 26.33 -13.02
C GLU A 261 -15.19 27.81 -13.09
N GLY A 262 -14.63 28.26 -14.22
CA GLY A 262 -14.28 29.65 -14.42
C GLY A 262 -12.92 30.06 -13.90
N VAL A 263 -12.05 29.09 -13.66
CA VAL A 263 -10.69 29.40 -13.19
C VAL A 263 -9.76 29.34 -14.40
N ASP A 264 -9.03 30.39 -14.70
CA ASP A 264 -8.15 30.40 -15.87
C ASP A 264 -6.85 29.66 -15.54
N ALA A 265 -6.94 28.34 -15.52
CA ALA A 265 -5.83 27.46 -15.17
C ALA A 265 -4.80 27.37 -16.29
N GLY A 266 -5.10 27.89 -17.46
CA GLY A 266 -4.19 28.00 -18.56
C GLY A 266 -3.65 26.71 -19.15
N TYR A 267 -2.48 26.86 -19.76
CA TYR A 267 -1.80 25.76 -20.43
C TYR A 267 -0.80 25.05 -19.51
N CYS A 268 -0.30 23.91 -19.99
CA CYS A 268 0.77 23.24 -19.28
C CYS A 268 2.07 23.80 -19.88
N ARG A 269 3.16 23.61 -19.17
CA ARG A 269 4.47 24.10 -19.58
C ARG A 269 5.29 23.06 -20.32
N GLU A 270 5.81 23.46 -21.49
CA GLU A 270 6.65 22.53 -22.24
C GLU A 270 7.98 22.17 -21.63
N PRO A 271 8.22 20.89 -21.44
CA PRO A 271 8.21 19.80 -22.36
C PRO A 271 6.92 18.98 -22.15
N MET A 272 6.09 19.36 -21.17
CA MET A 272 4.80 18.65 -21.10
C MET A 272 3.93 19.19 -22.24
N THR A 273 3.05 18.34 -22.78
CA THR A 273 2.15 18.83 -23.84
C THR A 273 1.37 20.03 -23.31
N SER A 274 1.48 21.19 -23.96
CA SER A 274 0.90 22.40 -23.40
C SER A 274 -0.60 22.55 -23.51
N LYS A 275 -1.18 21.99 -24.55
CA LYS A 275 -2.61 22.11 -24.82
C LYS A 275 -3.30 20.76 -24.94
N ALA A 276 -4.51 20.71 -24.37
CA ALA A 276 -5.34 19.52 -24.43
C ALA A 276 -5.92 19.33 -25.83
N THR A 277 -6.07 18.07 -26.21
CA THR A 277 -6.70 17.74 -27.49
C THR A 277 -8.20 17.92 -27.34
N ALA A 278 -8.91 17.88 -28.45
CA ALA A 278 -10.38 17.98 -28.40
C ALA A 278 -10.96 16.81 -27.61
N GLU A 279 -10.39 15.61 -27.79
CA GLU A 279 -10.80 14.41 -27.07
C GLU A 279 -10.56 14.58 -25.57
N GLN A 280 -9.42 15.16 -25.18
CA GLN A 280 -9.14 15.37 -23.77
C GLN A 280 -10.13 16.36 -23.13
N VAL A 281 -10.46 17.42 -23.88
CA VAL A 281 -11.42 18.40 -23.36
C VAL A 281 -12.78 17.74 -23.21
N ALA A 282 -13.21 16.94 -24.18
CA ALA A 282 -14.49 16.24 -24.10
C ALA A 282 -14.57 15.31 -22.90
N LYS A 283 -13.50 14.53 -22.67
CA LYS A 283 -13.49 13.63 -21.53
C LYS A 283 -13.51 14.40 -20.21
N ALA A 284 -12.79 15.51 -20.12
CA ALA A 284 -12.78 16.32 -18.92
C ALA A 284 -14.18 16.86 -18.61
N LYS A 285 -14.91 17.26 -19.66
CA LYS A 285 -16.29 17.74 -19.46
C LYS A 285 -17.18 16.61 -18.94
N ASP A 286 -16.97 15.39 -19.42
CA ASP A 286 -17.73 14.24 -18.94
C ASP A 286 -17.41 13.97 -17.47
N LEU A 287 -16.13 14.07 -17.09
CA LEU A 287 -15.76 13.89 -15.69
C LEU A 287 -16.41 14.95 -14.82
N LYS A 288 -16.45 16.20 -15.31
CA LYS A 288 -17.07 17.27 -14.54
C LYS A 288 -18.56 16.96 -14.36
N ALA A 289 -19.22 16.57 -15.44
CA ALA A 289 -20.65 16.24 -15.36
C ALA A 289 -20.95 15.15 -14.33
N LYS A 290 -20.17 14.07 -14.40
CA LYS A 290 -20.41 12.94 -13.51
C LYS A 290 -20.02 13.13 -12.06
N PHE A 291 -18.89 13.80 -11.81
CA PHE A 291 -18.35 13.88 -10.47
C PHE A 291 -18.25 15.23 -9.83
N LEU A 292 -18.34 16.33 -10.58
CA LEU A 292 -18.15 17.66 -9.99
C LEU A 292 -19.28 18.60 -10.38
N SER A 293 -20.50 18.05 -10.40
CA SER A 293 -21.67 18.85 -10.77
C SER A 293 -22.78 18.76 -9.72
N MET B 1 -21.35 -24.42 -0.27
CA MET B 1 -19.98 -24.18 0.24
C MET B 1 -20.00 -23.34 1.51
N ARG B 2 -19.22 -23.81 2.45
CA ARG B 2 -18.90 -23.24 3.74
C ARG B 2 -18.37 -21.82 3.64
N ASP B 3 -18.58 -21.02 4.68
CA ASP B 3 -18.11 -19.64 4.70
C ASP B 3 -16.58 -19.60 4.68
N LEU B 4 -16.03 -18.85 3.73
CA LEU B 4 -14.58 -18.75 3.59
C LEU B 4 -14.05 -17.39 4.01
N LYS B 5 -14.88 -16.58 4.67
CA LYS B 5 -14.35 -15.29 5.13
C LYS B 5 -13.56 -15.48 6.40
N GLY B 6 -12.76 -14.46 6.79
CA GLY B 6 -12.04 -14.54 8.03
C GLY B 6 -10.55 -14.80 8.00
N ILE B 7 -10.06 -15.32 9.12
CA ILE B 7 -8.63 -15.50 9.34
C ILE B 7 -8.17 -16.92 9.00
N PHE B 8 -7.32 -17.01 7.97
CA PHE B 8 -6.79 -18.31 7.57
C PHE B 8 -5.29 -18.39 7.79
N SER B 9 -4.82 -19.37 8.58
CA SER B 9 -3.37 -19.51 8.70
C SER B 9 -2.86 -20.27 7.47
N ALA B 10 -1.77 -19.78 6.89
CA ALA B 10 -1.13 -20.51 5.76
C ALA B 10 -0.31 -21.57 6.49
N LEU B 11 -0.72 -22.82 6.39
CA LEU B 11 -0.18 -23.90 7.17
C LEU B 11 1.28 -24.24 6.93
N LEU B 12 2.07 -24.15 7.99
CA LEU B 12 3.47 -24.55 7.95
C LEU B 12 3.53 -26.08 8.07
N VAL B 13 4.58 -26.68 7.53
CA VAL B 13 4.70 -28.15 7.61
C VAL B 13 5.95 -28.52 8.39
N SER B 14 5.84 -29.56 9.24
CA SER B 14 6.98 -30.02 10.01
C SER B 14 7.78 -31.03 9.19
N PHE B 15 9.08 -30.81 9.03
CA PHE B 15 9.89 -31.80 8.32
C PHE B 15 10.93 -32.39 9.28
N ASN B 16 11.32 -33.61 8.96
CA ASN B 16 12.40 -34.28 9.68
C ASN B 16 13.74 -33.76 9.15
N GLU B 17 14.81 -34.16 9.82
CA GLU B 17 16.17 -33.79 9.43
C GLU B 17 16.48 -34.19 7.99
N ASP B 18 15.96 -35.34 7.55
CA ASP B 18 16.19 -35.83 6.20
C ASP B 18 15.25 -35.23 5.16
N GLY B 19 14.40 -34.28 5.51
CA GLY B 19 13.52 -33.62 4.56
C GLY B 19 12.17 -34.27 4.40
N THR B 20 11.93 -35.44 5.01
CA THR B 20 10.63 -36.08 4.89
C THR B 20 9.62 -35.39 5.83
N ILE B 21 8.35 -35.57 5.52
CA ILE B 21 7.29 -34.98 6.35
C ILE B 21 7.23 -35.65 7.71
N ASN B 22 7.14 -34.86 8.76
CA ASN B 22 6.94 -35.35 10.13
C ASN B 22 5.42 -35.25 10.39
N GLU B 23 4.69 -36.34 10.23
CA GLU B 23 3.24 -36.30 10.36
C GLU B 23 2.77 -35.91 11.76
N LYS B 24 3.41 -36.44 12.79
CA LYS B 24 3.04 -36.11 14.17
C LYS B 24 3.18 -34.60 14.42
N GLY B 25 4.29 -34.02 13.97
CA GLY B 25 4.54 -32.60 14.12
C GLY B 25 3.56 -31.77 13.31
N LEU B 26 3.24 -32.22 12.10
CA LEU B 26 2.28 -31.49 11.28
C LEU B 26 0.90 -31.47 11.96
N ARG B 27 0.51 -32.60 12.55
CA ARG B 27 -0.77 -32.61 13.26
C ARG B 27 -0.72 -31.65 14.45
N GLN B 28 0.42 -31.53 15.13
CA GLN B 28 0.54 -30.60 16.24
C GLN B 28 0.42 -29.16 15.72
N ILE B 29 0.99 -28.88 14.55
CA ILE B 29 0.85 -27.52 14.02
C ILE B 29 -0.63 -27.23 13.72
N ILE B 30 -1.32 -28.17 13.12
CA ILE B 30 -2.74 -28.03 12.80
C ILE B 30 -3.56 -27.79 14.06
N ARG B 31 -3.37 -28.64 15.08
CA ARG B 31 -4.07 -28.49 16.35
C ARG B 31 -3.79 -27.14 16.99
N HIS B 32 -2.55 -26.65 16.95
CA HIS B 32 -2.23 -25.35 17.54
C HIS B 32 -3.05 -24.26 16.84
N ASN B 33 -3.12 -24.31 15.52
CA ASN B 33 -3.90 -23.31 14.79
C ASN B 33 -5.38 -23.36 15.11
N ILE B 34 -5.97 -24.56 15.12
CA ILE B 34 -7.42 -24.66 15.37
C ILE B 34 -7.76 -24.36 16.82
N ASP B 35 -7.06 -25.00 17.74
CA ASP B 35 -7.41 -24.91 19.15
C ASP B 35 -6.92 -23.68 19.87
N LYS B 36 -5.75 -23.17 19.51
CA LYS B 36 -5.14 -22.05 20.24
C LYS B 36 -5.15 -20.75 19.45
N MET B 37 -4.87 -20.84 18.14
CA MET B 37 -4.90 -19.61 17.34
C MET B 37 -6.32 -19.23 16.99
N LYS B 38 -7.26 -20.17 17.09
CA LYS B 38 -8.67 -19.96 16.83
C LYS B 38 -8.93 -19.38 15.45
N VAL B 39 -8.24 -19.91 14.44
CA VAL B 39 -8.41 -19.46 13.07
C VAL B 39 -9.74 -19.93 12.52
N ASP B 40 -10.19 -19.24 11.48
CA ASP B 40 -11.41 -19.62 10.78
C ASP B 40 -11.13 -20.76 9.80
N GLY B 41 -9.86 -20.86 9.37
CA GLY B 41 -9.52 -21.91 8.44
C GLY B 41 -8.02 -22.04 8.24
N LEU B 42 -7.67 -23.07 7.46
CA LEU B 42 -6.28 -23.29 7.09
C LEU B 42 -6.17 -23.22 5.57
N TYR B 43 -5.07 -22.64 5.12
CA TYR B 43 -4.71 -22.54 3.70
C TYR B 43 -3.54 -23.51 3.53
N VAL B 44 -3.85 -24.65 2.93
CA VAL B 44 -2.88 -25.75 2.88
C VAL B 44 -2.20 -25.86 1.53
N GLY B 45 -0.88 -26.08 1.58
CA GLY B 45 -0.12 -26.27 0.34
C GLY B 45 0.34 -24.97 -0.29
N GLY B 46 0.30 -23.88 0.45
CA GLY B 46 0.77 -22.61 -0.13
C GLY B 46 2.28 -22.48 -0.02
N SER B 47 2.75 -21.27 -0.36
CA SER B 47 4.17 -20.94 -0.22
C SER B 47 4.67 -21.25 1.18
N THR B 48 3.88 -20.88 2.19
CA THR B 48 4.26 -21.06 3.59
C THR B 48 4.45 -22.52 3.98
N GLY B 49 3.76 -23.43 3.29
CA GLY B 49 3.92 -24.85 3.58
C GLY B 49 5.14 -25.46 2.91
N GLU B 50 5.97 -24.64 2.29
CA GLU B 50 7.17 -25.09 1.58
C GLU B 50 6.80 -26.02 0.44
N ASN B 51 5.60 -25.84 -0.10
CA ASN B 51 4.97 -26.65 -1.12
C ASN B 51 5.79 -26.86 -2.37
N PHE B 52 6.39 -25.80 -2.91
CA PHE B 52 7.06 -25.91 -4.20
C PHE B 52 8.38 -26.63 -4.16
N MET B 53 8.86 -26.97 -2.98
CA MET B 53 10.08 -27.77 -2.86
C MET B 53 9.74 -29.25 -2.73
N LEU B 54 8.48 -29.65 -2.83
CA LEU B 54 8.04 -31.01 -2.60
C LEU B 54 7.56 -31.78 -3.82
N SER B 55 7.54 -33.12 -3.70
CA SER B 55 7.03 -33.93 -4.79
C SER B 55 5.50 -33.91 -4.78
N THR B 56 4.90 -34.36 -5.87
CA THR B 56 3.44 -34.44 -5.94
C THR B 56 2.90 -35.35 -4.85
N GLU B 57 3.57 -36.49 -4.62
CA GLU B 57 3.16 -37.40 -3.57
C GLU B 57 3.22 -36.77 -2.19
N GLU B 58 4.26 -35.97 -1.92
CA GLU B 58 4.37 -35.30 -0.62
C GLU B 58 3.25 -34.28 -0.45
N LYS B 59 2.93 -33.57 -1.53
CA LYS B 59 1.81 -32.61 -1.48
C LYS B 59 0.52 -33.34 -1.13
N LYS B 60 0.29 -34.49 -1.77
CA LYS B 60 -0.92 -35.27 -1.46
C LYS B 60 -0.91 -35.71 0.00
N GLU B 61 0.24 -36.15 0.52
CA GLU B 61 0.32 -36.56 1.93
C GLU B 61 -0.07 -35.43 2.87
N ILE B 62 0.43 -34.22 2.60
CA ILE B 62 0.07 -33.06 3.43
C ILE B 62 -1.42 -32.77 3.32
N PHE B 63 -2.01 -32.87 2.14
CA PHE B 63 -3.47 -32.64 2.04
C PHE B 63 -4.22 -33.69 2.84
N ARG B 64 -3.75 -34.93 2.79
CA ARG B 64 -4.43 -35.99 3.55
C ARG B 64 -4.40 -35.68 5.04
N ILE B 65 -3.21 -35.43 5.56
CA ILE B 65 -3.00 -35.18 6.98
C ILE B 65 -3.81 -33.98 7.47
N ALA B 66 -3.77 -32.87 6.74
CA ALA B 66 -4.51 -31.69 7.19
C ALA B 66 -6.00 -31.94 7.21
N LYS B 67 -6.58 -32.61 6.22
CA LYS B 67 -8.03 -32.87 6.22
C LYS B 67 -8.40 -33.87 7.30
N ASP B 68 -7.57 -34.91 7.49
CA ASP B 68 -7.87 -35.87 8.56
C ASP B 68 -7.80 -35.25 9.95
N GLU B 69 -6.85 -34.36 10.20
CA GLU B 69 -6.70 -33.76 11.51
C GLU B 69 -7.74 -32.66 11.77
N ALA B 70 -8.03 -31.87 10.75
CA ALA B 70 -8.99 -30.78 10.93
C ALA B 70 -10.44 -31.21 10.83
N LYS B 71 -10.71 -32.29 10.10
CA LYS B 71 -12.06 -32.79 9.86
C LYS B 71 -12.95 -31.66 9.36
N ASP B 72 -14.07 -31.39 10.02
CA ASP B 72 -14.96 -30.32 9.59
C ASP B 72 -14.96 -29.19 10.60
N GLN B 73 -13.92 -29.12 11.44
CA GLN B 73 -13.82 -28.13 12.49
C GLN B 73 -13.67 -26.70 12.02
N ILE B 74 -13.00 -26.54 10.88
CA ILE B 74 -12.69 -25.26 10.27
C ILE B 74 -12.76 -25.38 8.75
N ALA B 75 -12.72 -24.26 8.04
CA ALA B 75 -12.71 -24.28 6.58
C ALA B 75 -11.27 -24.60 6.11
N LEU B 76 -11.18 -25.30 4.98
CA LEU B 76 -9.89 -25.67 4.42
C LEU B 76 -9.81 -25.32 2.94
N ILE B 77 -8.75 -24.60 2.57
CA ILE B 77 -8.52 -24.22 1.17
C ILE B 77 -7.24 -24.94 0.71
N ALA B 78 -7.29 -25.56 -0.46
CA ALA B 78 -6.10 -26.27 -0.95
C ALA B 78 -5.44 -25.51 -2.10
N GLN B 79 -4.19 -25.13 -1.92
CA GLN B 79 -3.44 -24.46 -3.00
C GLN B 79 -2.83 -25.57 -3.85
N VAL B 80 -3.22 -25.62 -5.11
CA VAL B 80 -2.80 -26.68 -6.02
C VAL B 80 -2.10 -26.20 -7.27
N GLY B 81 -1.72 -24.92 -7.32
CA GLY B 81 -1.06 -24.38 -8.50
C GLY B 81 0.33 -24.97 -8.71
N SER B 82 0.78 -24.83 -9.96
CA SER B 82 2.05 -25.40 -10.37
C SER B 82 2.40 -24.88 -11.74
N VAL B 83 3.68 -25.04 -12.13
CA VAL B 83 4.06 -24.74 -13.52
C VAL B 83 3.56 -25.87 -14.42
N ASN B 84 3.34 -27.05 -13.82
CA ASN B 84 2.81 -28.20 -14.53
C ASN B 84 1.29 -28.22 -14.35
N LEU B 85 0.57 -27.87 -15.40
CA LEU B 85 -0.91 -27.85 -15.32
C LEU B 85 -1.48 -29.23 -15.12
N LYS B 86 -0.85 -30.29 -15.63
CA LYS B 86 -1.35 -31.64 -15.36
C LYS B 86 -1.21 -31.97 -13.89
N GLU B 87 -0.16 -31.48 -13.22
CA GLU B 87 0.00 -31.71 -11.79
C GLU B 87 -1.05 -30.92 -11.02
N ALA B 88 -1.30 -29.68 -11.44
CA ALA B 88 -2.30 -28.84 -10.77
C ALA B 88 -3.67 -29.50 -10.87
N VAL B 89 -4.01 -30.07 -12.02
CA VAL B 89 -5.28 -30.79 -12.15
C VAL B 89 -5.31 -32.02 -11.25
N GLU B 90 -4.22 -32.80 -11.22
CA GLU B 90 -4.17 -33.98 -10.37
C GLU B 90 -4.34 -33.62 -8.90
N LEU B 91 -3.61 -32.60 -8.43
CA LEU B 91 -3.71 -32.17 -7.03
C LEU B 91 -5.08 -31.59 -6.75
N GLY B 92 -5.63 -30.85 -7.71
CA GLY B 92 -6.97 -30.27 -7.52
C GLY B 92 -8.02 -31.38 -7.41
N LYS B 93 -7.89 -32.43 -8.24
CA LYS B 93 -8.86 -33.54 -8.15
C LYS B 93 -8.74 -34.21 -6.78
N TYR B 94 -7.49 -34.47 -6.34
CA TYR B 94 -7.26 -35.12 -5.05
C TYR B 94 -7.83 -34.29 -3.92
N ALA B 95 -7.53 -32.99 -3.85
CA ALA B 95 -8.03 -32.15 -2.78
C ALA B 95 -9.56 -32.10 -2.82
N THR B 96 -10.13 -32.06 -4.01
CA THR B 96 -11.59 -32.07 -4.16
C THR B 96 -12.17 -33.37 -3.60
N GLU B 97 -11.53 -34.50 -3.93
CA GLU B 97 -11.99 -35.80 -3.43
C GLU B 97 -11.94 -35.90 -1.92
N LEU B 98 -10.92 -35.29 -1.32
CA LEU B 98 -10.75 -35.27 0.12
C LEU B 98 -11.77 -34.38 0.86
N GLY B 99 -12.43 -33.49 0.11
CA GLY B 99 -13.43 -32.63 0.72
C GLY B 99 -13.00 -31.21 1.00
N TYR B 100 -11.88 -30.77 0.42
CA TYR B 100 -11.47 -29.38 0.65
C TYR B 100 -12.59 -28.44 0.23
N ASP B 101 -12.75 -27.35 0.96
CA ASP B 101 -13.86 -26.43 0.67
C ASP B 101 -13.73 -25.64 -0.61
N CYS B 102 -12.48 -25.38 -1.01
CA CYS B 102 -12.25 -24.70 -2.29
C CYS B 102 -10.77 -24.86 -2.65
N LEU B 103 -10.46 -24.59 -3.90
CA LEU B 103 -9.08 -24.65 -4.35
C LEU B 103 -8.57 -23.23 -4.54
N SER B 104 -7.25 -23.13 -4.62
CA SER B 104 -6.59 -21.87 -4.95
C SER B 104 -5.39 -22.27 -5.82
N ALA B 105 -4.84 -21.35 -6.59
CA ALA B 105 -3.69 -21.74 -7.41
C ALA B 105 -2.86 -20.51 -7.76
N VAL B 106 -1.57 -20.60 -7.47
CA VAL B 106 -0.67 -19.52 -7.86
C VAL B 106 -0.68 -19.38 -9.39
N THR B 107 -0.26 -18.21 -9.86
CA THR B 107 -0.12 -18.03 -11.32
C THR B 107 1.02 -18.96 -11.75
N PRO B 108 0.90 -19.63 -12.89
CA PRO B 108 2.00 -20.48 -13.37
C PRO B 108 3.25 -19.60 -13.48
N PHE B 109 4.38 -20.13 -13.02
CA PHE B 109 5.61 -19.35 -12.90
C PHE B 109 6.76 -19.93 -13.65
N TYR B 110 7.98 -19.48 -13.37
CA TYR B 110 9.17 -19.87 -14.10
C TYR B 110 9.03 -19.38 -15.54
N TYR B 111 8.06 -19.57 -16.37
CA TYR B 111 8.03 -18.95 -17.67
C TYR B 111 7.11 -17.72 -17.50
N LYS B 112 7.16 -16.84 -18.49
CA LYS B 112 6.29 -15.67 -18.50
C LYS B 112 5.04 -16.03 -19.30
N PHE B 113 3.88 -16.12 -18.67
CA PHE B 113 2.67 -16.52 -19.39
C PHE B 113 1.85 -15.31 -19.78
N SER B 114 1.14 -15.44 -20.89
CA SER B 114 0.28 -14.32 -21.32
C SER B 114 -0.99 -14.38 -20.47
N PHE B 115 -1.79 -13.32 -20.49
CA PHE B 115 -3.04 -13.36 -19.73
C PHE B 115 -3.94 -14.48 -20.20
N PRO B 116 -4.21 -14.66 -21.48
CA PRO B 116 -5.03 -15.77 -21.96
C PRO B 116 -4.54 -17.12 -21.42
N GLU B 117 -3.23 -17.34 -21.35
CA GLU B 117 -2.68 -18.58 -20.83
C GLU B 117 -3.00 -18.74 -19.36
N ILE B 118 -2.92 -17.67 -18.58
CA ILE B 118 -3.25 -17.72 -17.17
C ILE B 118 -4.73 -18.03 -16.97
N LYS B 119 -5.60 -17.38 -17.75
CA LYS B 119 -7.03 -17.65 -17.62
C LYS B 119 -7.34 -19.09 -18.00
N HIS B 120 -6.72 -19.59 -19.09
CA HIS B 120 -6.96 -20.98 -19.49
C HIS B 120 -6.50 -21.96 -18.41
N TYR B 121 -5.39 -21.63 -17.73
CA TYR B 121 -4.87 -22.45 -16.63
C TYR B 121 -5.93 -22.57 -15.52
N TYR B 122 -6.47 -21.41 -15.09
CA TYR B 122 -7.49 -21.45 -14.05
C TYR B 122 -8.76 -22.13 -14.54
N ASP B 123 -9.22 -21.82 -15.74
CA ASP B 123 -10.45 -22.46 -16.23
C ASP B 123 -10.29 -23.96 -16.35
N THR B 124 -9.09 -24.44 -16.71
CA THR B 124 -8.84 -25.88 -16.84
C THR B 124 -8.88 -26.57 -15.49
N ILE B 125 -8.23 -26.01 -14.47
CA ILE B 125 -8.26 -26.61 -13.14
C ILE B 125 -9.72 -26.67 -12.63
N ILE B 126 -10.47 -25.59 -12.85
CA ILE B 126 -11.88 -25.59 -12.44
C ILE B 126 -12.68 -26.63 -13.21
N ALA B 127 -12.54 -26.69 -14.53
CA ALA B 127 -13.34 -27.62 -15.33
C ALA B 127 -13.02 -29.08 -14.99
N GLU B 128 -11.76 -29.38 -14.76
CA GLU B 128 -11.39 -30.77 -14.49
C GLU B 128 -11.70 -31.22 -13.09
N THR B 129 -11.83 -30.32 -12.13
CA THR B 129 -12.11 -30.72 -10.75
C THR B 129 -13.56 -30.52 -10.33
N GLY B 130 -14.21 -29.51 -10.90
CA GLY B 130 -15.55 -29.13 -10.46
C GLY B 130 -15.51 -28.26 -9.21
N SER B 131 -14.35 -27.82 -8.75
CA SER B 131 -14.24 -27.01 -7.55
C SER B 131 -14.11 -25.52 -7.87
N ASN B 132 -14.53 -24.75 -6.87
CA ASN B 132 -14.41 -23.30 -6.97
C ASN B 132 -12.95 -22.95 -6.77
N MET B 133 -12.59 -21.74 -7.18
CA MET B 133 -11.19 -21.32 -7.20
C MET B 133 -10.92 -19.91 -6.69
N ILE B 134 -9.82 -19.79 -5.96
CA ILE B 134 -9.30 -18.49 -5.52
C ILE B 134 -8.04 -18.25 -6.36
N VAL B 135 -8.01 -17.14 -7.08
CA VAL B 135 -6.85 -16.82 -7.92
C VAL B 135 -5.87 -15.98 -7.11
N TYR B 136 -4.69 -15.77 -7.68
CA TYR B 136 -3.65 -14.97 -7.08
C TYR B 136 -3.50 -13.67 -7.86
N SER B 137 -2.96 -12.65 -7.18
CA SER B 137 -2.72 -11.38 -7.88
C SER B 137 -2.08 -11.63 -9.24
N ILE B 138 -2.55 -10.92 -10.26
CA ILE B 138 -2.00 -11.07 -11.61
C ILE B 138 -0.68 -10.33 -11.70
N PRO B 139 0.39 -11.02 -12.10
CA PRO B 139 1.71 -10.45 -12.18
C PRO B 139 1.90 -9.52 -13.36
N PHE B 140 2.92 -8.68 -13.26
CA PHE B 140 3.38 -7.75 -14.27
C PHE B 140 2.32 -6.83 -14.88
N LEU B 141 1.45 -6.27 -14.06
CA LEU B 141 0.44 -5.33 -14.54
C LEU B 141 1.11 -3.96 -14.77
N THR B 142 0.69 -3.30 -15.85
CA THR B 142 1.20 -1.99 -16.20
C THR B 142 0.23 -0.90 -15.76
N GLY B 143 -0.97 -1.28 -15.34
CA GLY B 143 -1.95 -0.31 -14.90
C GLY B 143 -3.14 -0.96 -14.22
N VAL B 144 -3.87 -0.15 -13.45
CA VAL B 144 -5.05 -0.61 -12.75
C VAL B 144 -6.18 -0.93 -13.71
N ASN B 145 -6.30 -0.13 -14.78
CA ASN B 145 -7.30 -0.36 -15.81
C ASN B 145 -7.15 -1.77 -16.36
N MET B 146 -5.93 -2.14 -16.75
CA MET B 146 -5.65 -3.48 -17.25
C MET B 146 -5.92 -4.53 -16.17
N GLY B 147 -5.50 -4.22 -14.94
CA GLY B 147 -5.69 -5.15 -13.82
C GLY B 147 -7.17 -5.47 -13.64
N ILE B 148 -8.01 -4.45 -13.58
CA ILE B 148 -9.46 -4.66 -13.42
C ILE B 148 -10.05 -5.38 -14.61
N GLU B 149 -9.61 -5.08 -15.84
CA GLU B 149 -10.11 -5.79 -17.01
C GLU B 149 -9.77 -7.29 -16.91
N GLN B 150 -8.53 -7.58 -16.51
CA GLN B 150 -8.10 -8.99 -16.41
C GLN B 150 -8.83 -9.71 -15.30
N PHE B 151 -9.05 -9.08 -14.14
CA PHE B 151 -9.85 -9.74 -13.10
C PHE B 151 -11.26 -9.98 -13.64
N GLY B 152 -11.79 -9.00 -14.38
CA GLY B 152 -13.08 -9.11 -15.02
C GLY B 152 -13.12 -10.29 -15.95
N GLU B 153 -12.08 -10.63 -16.68
CA GLU B 153 -12.09 -11.80 -17.54
C GLU B 153 -12.01 -13.09 -16.76
N LEU B 154 -11.24 -13.12 -15.68
CA LEU B 154 -11.13 -14.31 -14.83
C LEU B 154 -12.50 -14.54 -14.18
N TYR B 155 -12.97 -13.33 -13.83
CA TYR B 155 -14.27 -13.18 -13.30
C TYR B 155 -15.08 -13.00 -14.63
N LYS B 156 -15.29 -14.11 -15.33
CA LYS B 156 -16.30 -14.50 -16.26
C LYS B 156 -16.72 -15.97 -15.95
N ASN B 157 -15.80 -16.65 -15.27
CA ASN B 157 -16.07 -18.02 -14.81
C ASN B 157 -16.75 -17.86 -13.47
N PRO B 158 -17.99 -18.30 -13.32
CA PRO B 158 -18.70 -18.14 -12.06
C PRO B 158 -18.08 -18.91 -10.92
N LYS B 159 -17.19 -19.86 -11.13
CA LYS B 159 -16.60 -20.61 -10.05
C LYS B 159 -15.34 -19.93 -9.51
N VAL B 160 -14.97 -18.78 -10.06
CA VAL B 160 -13.84 -18.03 -9.48
C VAL B 160 -14.43 -17.16 -8.37
N LEU B 161 -14.02 -17.41 -7.13
CA LEU B 161 -14.61 -16.73 -5.99
C LEU B 161 -14.01 -15.36 -5.66
N GLY B 162 -12.73 -15.20 -5.99
CA GLY B 162 -12.05 -13.97 -5.60
C GLY B 162 -10.53 -14.20 -5.62
N VAL B 163 -9.82 -13.37 -4.87
CA VAL B 163 -8.37 -13.42 -4.99
C VAL B 163 -7.63 -13.29 -3.68
N LYS B 164 -6.48 -13.96 -3.59
CA LYS B 164 -5.51 -13.89 -2.53
C LYS B 164 -4.59 -12.75 -3.02
N PHE B 165 -4.78 -11.58 -2.41
CA PHE B 165 -4.13 -10.37 -2.87
C PHE B 165 -2.80 -10.14 -2.19
N THR B 166 -1.73 -10.17 -2.98
CA THR B 166 -0.39 -9.98 -2.41
C THR B 166 0.26 -8.71 -2.92
N ALA B 167 -0.26 -8.14 -3.99
CA ALA B 167 0.29 -6.91 -4.55
C ALA B 167 0.19 -5.78 -3.53
N GLY B 168 1.23 -4.97 -3.39
CA GLY B 168 1.19 -3.85 -2.45
C GLY B 168 0.64 -2.60 -3.15
N ASP B 169 -0.59 -2.71 -3.63
CA ASP B 169 -1.27 -1.66 -4.36
C ASP B 169 -2.70 -1.53 -3.84
N PHE B 170 -2.90 -0.60 -2.89
CA PHE B 170 -4.21 -0.39 -2.30
C PHE B 170 -5.15 0.36 -3.22
N TYR B 171 -4.63 1.01 -4.26
CA TYR B 171 -5.49 1.64 -5.26
C TYR B 171 -6.17 0.53 -6.06
N LEU B 172 -5.38 -0.43 -6.52
CA LEU B 172 -5.93 -1.59 -7.22
C LEU B 172 -6.91 -2.35 -6.31
N LEU B 173 -6.59 -2.49 -5.02
CA LEU B 173 -7.48 -3.21 -4.11
C LEU B 173 -8.84 -2.54 -4.06
N GLU B 174 -8.80 -1.22 -3.84
CA GLU B 174 -10.05 -0.46 -3.82
C GLU B 174 -10.81 -0.59 -5.12
N ARG B 175 -10.12 -0.48 -6.26
CA ARG B 175 -10.77 -0.59 -7.56
C ARG B 175 -11.45 -1.95 -7.75
N LEU B 176 -10.77 -3.01 -7.31
CA LEU B 176 -11.31 -4.37 -7.44
C LEU B 176 -12.53 -4.58 -6.55
N LYS B 177 -12.50 -4.06 -5.33
CA LYS B 177 -13.67 -4.22 -4.45
C LYS B 177 -14.85 -3.43 -4.97
N LYS B 178 -14.61 -2.27 -5.60
CA LYS B 178 -15.69 -1.49 -6.18
C LYS B 178 -16.28 -2.14 -7.44
N ALA B 179 -15.41 -2.60 -8.34
CA ALA B 179 -15.87 -3.18 -9.59
C ALA B 179 -16.56 -4.51 -9.41
N TYR B 180 -16.07 -5.36 -8.51
CA TYR B 180 -16.61 -6.72 -8.32
C TYR B 180 -16.92 -6.97 -6.87
N PRO B 181 -17.97 -6.33 -6.34
CA PRO B 181 -18.32 -6.32 -4.93
C PRO B 181 -18.68 -7.67 -4.33
N ASN B 182 -19.16 -8.58 -5.17
CA ASN B 182 -19.54 -9.91 -4.68
C ASN B 182 -18.35 -10.88 -4.68
N HIS B 183 -17.23 -10.46 -5.26
CA HIS B 183 -16.06 -11.35 -5.24
C HIS B 183 -15.24 -11.02 -3.99
N LEU B 184 -14.70 -12.08 -3.39
CA LEU B 184 -13.93 -11.91 -2.17
C LEU B 184 -12.47 -11.57 -2.40
N ILE B 185 -11.91 -10.90 -1.38
CA ILE B 185 -10.50 -10.55 -1.38
C ILE B 185 -9.93 -10.98 -0.05
N TRP B 186 -8.84 -11.78 -0.10
CA TRP B 186 -8.15 -12.13 1.13
C TRP B 186 -6.80 -11.40 1.13
N ALA B 187 -6.51 -10.65 2.18
CA ALA B 187 -5.21 -9.96 2.26
C ALA B 187 -4.09 -10.99 2.40
N GLY B 188 -2.98 -10.81 1.69
CA GLY B 188 -1.87 -11.77 1.80
C GLY B 188 -0.59 -11.10 2.31
N PHE B 189 -0.72 -10.13 3.18
CA PHE B 189 0.37 -9.34 3.75
C PHE B 189 0.00 -9.01 5.20
N ASP B 190 0.44 -9.86 6.12
CA ASP B 190 0.07 -9.73 7.53
C ASP B 190 0.43 -8.40 8.15
N GLU B 191 1.53 -7.79 7.71
CA GLU B 191 2.00 -6.51 8.24
C GLU B 191 1.22 -5.33 7.66
N MET B 192 0.31 -5.59 6.74
CA MET B 192 -0.56 -4.58 6.14
C MET B 192 -2.03 -4.93 6.33
N MET B 193 -2.30 -5.69 7.39
CA MET B 193 -3.69 -6.09 7.66
C MET B 193 -4.62 -4.93 7.92
N LEU B 194 -4.24 -3.97 8.75
CA LEU B 194 -5.11 -2.82 9.05
C LEU B 194 -5.55 -2.04 7.84
N PRO B 195 -4.66 -1.53 6.99
CA PRO B 195 -5.08 -0.79 5.80
C PRO B 195 -5.90 -1.64 4.86
N ALA B 196 -5.63 -2.95 4.74
CA ALA B 196 -6.43 -3.81 3.88
C ALA B 196 -7.85 -3.95 4.42
N ALA B 197 -7.97 -4.12 5.73
CA ALA B 197 -9.28 -4.27 6.36
C ALA B 197 -10.04 -2.95 6.28
N SER B 198 -9.33 -1.83 6.26
CA SER B 198 -10.02 -0.52 6.14
C SER B 198 -10.70 -0.38 4.79
N LEU B 199 -10.30 -1.11 3.77
CA LEU B 199 -10.87 -1.10 2.45
C LEU B 199 -11.86 -2.25 2.23
N GLY B 200 -12.16 -3.00 3.29
CA GLY B 200 -13.17 -4.03 3.22
C GLY B 200 -12.76 -5.40 2.73
N VAL B 201 -11.48 -5.77 2.89
CA VAL B 201 -11.12 -7.14 2.50
C VAL B 201 -11.98 -8.07 3.36
N ASP B 202 -12.22 -9.26 2.81
CA ASP B 202 -13.10 -10.23 3.45
C ASP B 202 -12.43 -11.21 4.40
N GLY B 203 -11.10 -11.17 4.36
CA GLY B 203 -10.33 -12.07 5.23
C GLY B 203 -8.85 -11.88 4.96
N ALA B 204 -8.04 -12.75 5.52
CA ALA B 204 -6.59 -12.69 5.38
C ALA B 204 -6.03 -14.11 5.43
N ILE B 205 -5.03 -14.35 4.61
CA ILE B 205 -4.32 -15.64 4.59
C ILE B 205 -2.89 -15.26 4.97
N GLY B 206 -2.37 -15.85 6.04
CA GLY B 206 -1.04 -15.44 6.49
C GLY B 206 -0.21 -16.48 7.21
N SER B 207 1.10 -16.34 7.03
CA SER B 207 2.03 -17.25 7.69
C SER B 207 2.19 -16.95 9.17
N THR B 208 2.12 -15.67 9.56
CA THR B 208 2.34 -15.35 10.98
C THR B 208 1.16 -15.61 11.91
N PHE B 209 0.03 -16.01 11.32
CA PHE B 209 -1.15 -16.37 12.12
C PHE B 209 -0.92 -17.70 12.81
N ASN B 210 0.08 -18.48 12.37
CA ASN B 210 0.43 -19.72 13.06
C ASN B 210 0.86 -19.46 14.49
N VAL B 211 1.37 -18.27 14.83
CA VAL B 211 1.76 -17.93 16.18
C VAL B 211 1.10 -16.65 16.67
N ASN B 212 0.67 -15.77 15.77
CA ASN B 212 0.09 -14.49 16.18
C ASN B 212 -1.39 -14.39 15.83
N GLY B 213 -2.11 -15.51 15.81
CA GLY B 213 -3.52 -15.51 15.46
C GLY B 213 -4.38 -14.62 16.34
N VAL B 214 -4.14 -14.56 17.64
CA VAL B 214 -4.92 -13.74 18.56
C VAL B 214 -4.89 -12.28 18.15
N ARG B 215 -3.71 -11.69 18.00
CA ARG B 215 -3.64 -10.29 17.57
C ARG B 215 -4.20 -10.09 16.17
N ALA B 216 -3.95 -11.02 15.23
CA ALA B 216 -4.48 -10.89 13.87
C ALA B 216 -5.99 -10.77 13.88
N ARG B 217 -6.67 -11.60 14.69
CA ARG B 217 -8.13 -11.51 14.77
C ARG B 217 -8.56 -10.16 15.37
N GLN B 218 -7.84 -9.72 16.41
CA GLN B 218 -8.17 -8.45 17.03
C GLN B 218 -8.03 -7.31 16.02
N ILE B 219 -6.92 -7.26 15.27
CA ILE B 219 -6.77 -6.18 14.29
C ILE B 219 -7.93 -6.18 13.30
N PHE B 220 -8.24 -7.35 12.75
CA PHE B 220 -9.30 -7.48 11.75
C PHE B 220 -10.66 -7.04 12.29
N GLU B 221 -11.03 -7.54 13.46
CA GLU B 221 -12.34 -7.20 14.02
C GLU B 221 -12.44 -5.74 14.45
N LEU B 222 -11.41 -5.22 15.09
CA LEU B 222 -11.42 -3.81 15.52
C LEU B 222 -11.49 -2.88 14.31
N THR B 223 -10.76 -3.23 13.25
CA THR B 223 -10.76 -2.39 12.05
C THR B 223 -12.12 -2.37 11.40
N LYS B 224 -12.78 -3.51 11.27
CA LYS B 224 -14.11 -3.55 10.68
C LYS B 224 -15.13 -2.76 11.49
N ALA B 225 -14.92 -2.64 12.79
CA ALA B 225 -15.76 -1.86 13.67
C ALA B 225 -15.38 -0.38 13.71
N GLY B 226 -14.33 0.03 13.00
CA GLY B 226 -13.92 1.43 13.00
C GLY B 226 -13.10 1.84 14.20
N LYS B 227 -12.59 0.89 15.00
CA LYS B 227 -11.77 1.20 16.16
C LYS B 227 -10.31 1.17 15.73
N LEU B 228 -9.98 2.19 14.91
CA LEU B 228 -8.67 2.29 14.30
C LEU B 228 -7.52 2.61 15.23
N LYS B 229 -7.72 3.40 16.27
CA LYS B 229 -6.63 3.72 17.20
C LYS B 229 -6.15 2.43 17.86
N GLU B 230 -7.09 1.63 18.38
CA GLU B 230 -6.68 0.39 19.04
C GLU B 230 -6.14 -0.63 18.03
N ALA B 231 -6.77 -0.70 16.86
CA ALA B 231 -6.29 -1.63 15.83
C ALA B 231 -4.84 -1.30 15.48
N LEU B 232 -4.52 0.00 15.36
CA LEU B 232 -3.16 0.39 15.03
C LEU B 232 -2.18 0.04 16.13
N GLU B 233 -2.56 0.14 17.40
CA GLU B 233 -1.67 -0.23 18.48
C GLU B 233 -1.33 -1.73 18.35
N ILE B 234 -2.35 -2.54 18.04
CA ILE B 234 -2.11 -3.98 17.91
C ILE B 234 -1.32 -4.29 16.65
N GLN B 235 -1.51 -3.54 15.56
CA GLN B 235 -0.72 -3.72 14.36
C GLN B 235 0.74 -3.33 14.62
N HIS B 236 0.95 -2.31 15.46
CA HIS B 236 2.31 -1.91 15.81
C HIS B 236 3.06 -3.04 16.53
N VAL B 237 2.42 -3.67 17.53
CA VAL B 237 3.11 -4.76 18.23
C VAL B 237 3.31 -5.94 17.30
N THR B 238 2.26 -6.23 16.52
CA THR B 238 2.36 -7.30 15.52
C THR B 238 3.52 -7.08 14.57
N ASN B 239 3.68 -5.85 14.09
CA ASN B 239 4.76 -5.54 13.14
C ASN B 239 6.14 -5.51 13.78
N ASP B 240 6.23 -5.30 15.08
CA ASP B 240 7.52 -5.41 15.76
C ASP B 240 7.92 -6.90 15.70
N LEU B 241 6.93 -7.76 15.96
CA LEU B 241 7.16 -9.20 15.88
C LEU B 241 7.47 -9.62 14.47
N ILE B 242 6.68 -9.16 13.49
CA ILE B 242 6.93 -9.53 12.10
C ILE B 242 8.28 -9.03 11.60
N GLU B 243 8.70 -7.83 11.97
CA GLU B 243 10.01 -7.32 11.56
C GLU B 243 11.11 -8.24 12.09
N GLY B 244 10.95 -8.71 13.32
CA GLY B 244 11.94 -9.63 13.89
C GLY B 244 11.94 -10.97 13.19
N ILE B 245 10.76 -11.48 12.87
CA ILE B 245 10.66 -12.77 12.16
C ILE B 245 11.31 -12.67 10.79
N LEU B 246 11.02 -11.61 10.04
CA LEU B 246 11.57 -11.47 8.69
C LEU B 246 13.09 -11.35 8.69
N ALA B 247 13.62 -10.58 9.65
CA ALA B 247 15.06 -10.41 9.73
C ALA B 247 15.78 -11.71 10.10
N ASN B 248 15.15 -12.53 10.92
CA ASN B 248 15.75 -13.78 11.38
C ASN B 248 15.54 -14.94 10.45
N GLY B 249 14.62 -14.88 9.50
CA GLY B 249 14.36 -16.02 8.60
C GLY B 249 12.92 -16.42 8.87
N LEU B 250 12.05 -16.12 7.89
CA LEU B 250 10.62 -16.30 8.09
C LEU B 250 10.12 -17.66 8.52
N TYR B 251 10.25 -18.70 7.69
CA TYR B 251 9.69 -19.99 8.11
C TYR B 251 10.44 -20.59 9.29
N LEU B 252 11.77 -20.49 9.34
CA LEU B 252 12.49 -21.03 10.48
C LEU B 252 12.10 -20.35 11.79
N THR B 253 11.92 -19.03 11.76
CA THR B 253 11.57 -18.35 13.01
C THR B 253 10.18 -18.77 13.49
N ILE B 254 9.22 -18.88 12.56
CA ILE B 254 7.88 -19.27 13.02
C ILE B 254 7.95 -20.68 13.58
N LYS B 255 8.71 -21.57 12.95
CA LYS B 255 8.83 -22.94 13.50
C LYS B 255 9.50 -22.90 14.87
N GLU B 256 10.54 -22.10 15.05
CA GLU B 256 11.23 -22.03 16.34
C GLU B 256 10.30 -21.47 17.41
N LEU B 257 9.44 -20.51 17.04
CA LEU B 257 8.47 -20.00 18.00
C LEU B 257 7.46 -21.08 18.37
N LEU B 258 7.03 -21.89 17.41
CA LEU B 258 6.10 -22.98 17.68
C LEU B 258 6.72 -24.02 18.61
N LYS B 259 8.02 -24.28 18.45
CA LYS B 259 8.72 -25.23 19.32
C LYS B 259 8.71 -24.75 20.77
N LEU B 260 8.80 -23.44 20.99
CA LEU B 260 8.77 -22.86 22.32
C LEU B 260 7.40 -22.95 22.96
N GLU B 261 6.38 -23.25 22.17
CA GLU B 261 5.02 -23.46 22.63
C GLU B 261 4.68 -24.94 22.69
N GLY B 262 5.68 -25.81 22.57
CA GLY B 262 5.47 -27.24 22.65
C GLY B 262 5.00 -27.93 21.38
N VAL B 263 5.15 -27.28 20.23
CA VAL B 263 4.72 -27.86 18.96
C VAL B 263 5.95 -28.37 18.23
N ASP B 264 5.97 -29.61 17.78
CA ASP B 264 7.12 -30.18 17.08
C ASP B 264 7.13 -29.71 15.63
N ALA B 265 7.45 -28.43 15.41
CA ALA B 265 7.41 -27.82 14.10
C ALA B 265 8.57 -28.25 13.21
N GLY B 266 9.57 -28.93 13.76
CA GLY B 266 10.62 -29.48 12.92
C GLY B 266 11.56 -28.56 12.20
N TYR B 267 12.11 -29.12 11.13
CA TYR B 267 13.07 -28.46 10.29
C TYR B 267 12.39 -27.86 9.05
N CYS B 268 13.16 -27.05 8.33
CA CYS B 268 12.72 -26.55 7.03
C CYS B 268 13.19 -27.55 5.99
N ARG B 269 12.68 -27.45 4.79
CA ARG B 269 13.00 -28.35 3.69
C ARG B 269 14.02 -27.72 2.74
N GLU B 270 15.05 -28.52 2.44
CA GLU B 270 16.08 -28.07 1.52
C GLU B 270 15.65 -27.98 0.09
N PRO B 271 15.81 -26.84 -0.55
CA PRO B 271 16.98 -26.04 -0.63
C PRO B 271 16.94 -24.86 0.35
N MET B 272 15.84 -24.73 1.11
CA MET B 272 15.88 -23.73 2.17
C MET B 272 16.78 -24.26 3.28
N THR B 273 17.48 -23.40 4.01
CA THR B 273 18.31 -23.85 5.14
C THR B 273 17.41 -24.69 6.04
N SER B 274 17.78 -25.93 6.30
CA SER B 274 16.90 -26.79 7.08
C SER B 274 16.99 -26.61 8.58
N LYS B 275 18.19 -26.32 9.08
CA LYS B 275 18.40 -26.19 10.51
C LYS B 275 18.67 -24.76 10.95
N ALA B 276 17.95 -24.28 11.95
CA ALA B 276 18.14 -22.95 12.49
C ALA B 276 19.50 -22.87 13.19
N THR B 277 20.23 -21.79 12.98
CA THR B 277 21.53 -21.65 13.64
C THR B 277 21.26 -21.32 15.11
N ALA B 278 22.29 -21.37 15.94
CA ALA B 278 22.13 -21.02 17.34
C ALA B 278 21.64 -19.57 17.44
N GLU B 279 22.15 -18.68 16.60
CA GLU B 279 21.76 -17.28 16.55
C GLU B 279 20.28 -17.12 16.23
N GLN B 280 19.80 -17.89 15.25
CA GLN B 280 18.39 -17.85 14.86
C GLN B 280 17.52 -18.35 16.01
N VAL B 281 17.96 -19.41 16.68
CA VAL B 281 17.22 -19.92 17.84
C VAL B 281 17.20 -18.88 18.94
N ALA B 282 18.33 -18.21 19.20
CA ALA B 282 18.44 -17.16 20.19
C ALA B 282 17.47 -16.00 19.91
N LYS B 283 17.41 -15.56 18.67
CA LYS B 283 16.49 -14.49 18.29
C LYS B 283 15.05 -14.94 18.46
N ALA B 284 14.72 -16.18 18.13
CA ALA B 284 13.38 -16.70 18.32
C ALA B 284 13.00 -16.73 19.81
N LYS B 285 13.94 -17.03 20.71
CA LYS B 285 13.64 -17.01 22.13
C LYS B 285 13.32 -15.58 22.57
N ASP B 286 14.06 -14.61 22.06
CA ASP B 286 13.86 -13.21 22.42
C ASP B 286 12.52 -12.69 21.93
N LEU B 287 12.15 -13.05 20.70
CA LEU B 287 10.85 -12.63 20.16
C LEU B 287 9.72 -13.25 20.97
N LYS B 288 9.88 -14.50 21.39
CA LYS B 288 8.83 -15.13 22.18
C LYS B 288 8.68 -14.39 23.52
N ALA B 289 9.80 -14.06 24.16
CA ALA B 289 9.74 -13.35 25.44
C ALA B 289 9.08 -11.98 25.32
N LYS B 290 9.43 -11.23 24.27
CA LYS B 290 8.89 -9.90 24.10
C LYS B 290 7.46 -9.84 23.61
N PHE B 291 7.08 -10.72 22.67
CA PHE B 291 5.77 -10.60 22.04
C PHE B 291 4.80 -11.75 22.17
N LEU B 292 5.19 -12.92 22.65
CA LEU B 292 4.25 -14.05 22.73
C LEU B 292 4.26 -14.74 24.09
N SER B 293 4.54 -13.97 25.13
CA SER B 293 4.62 -14.50 26.50
C SER B 293 3.62 -13.82 27.43
C1 NAY C . 3.67 17.36 -5.28
O1A NAY C . 4.87 17.44 -4.96
O1B NAY C . 3.10 17.95 -6.21
C2 NAY C . 2.84 16.43 -4.36
O2 NAY C . 3.28 16.24 -3.21
C3 NAY C . 1.55 15.87 -4.98
C4 NAY C . 1.36 14.31 -4.77
C5 NAY C . 0.88 13.68 -6.12
N NAY C . 1.89 12.71 -6.66
C10 NAY C . 2.21 12.68 -7.96
C11 NAY C . 3.41 11.78 -8.23
O10 NAY C . 1.64 13.27 -8.90
O6 NAY C . -1.45 13.90 -5.55
C6 NAY C . -0.48 12.92 -6.00
C7 NAY C . -0.97 12.35 -7.37
O7 NAY C . -0.92 13.41 -8.32
C8 NAY C . -2.39 11.78 -7.28
O8 NAY C . -2.42 10.90 -6.12
C9 NAY C . -2.82 11.08 -8.56
O9 NAY C . -2.03 9.91 -8.81
C1 GOL D . 2.35 34.78 8.64
O1 GOL D . 2.71 35.09 7.31
C2 GOL D . 1.33 33.66 8.79
O2 GOL D . 0.84 33.30 7.51
C3 GOL D . 1.90 32.42 9.48
O3 GOL D . 0.95 31.37 9.38
C1 GOL E . -18.60 2.52 9.32
O1 GOL E . -17.72 1.63 9.98
C2 GOL E . -19.44 3.30 10.31
O2 GOL E . -18.71 3.45 11.51
C3 GOL E . -19.92 4.65 9.80
O3 GOL E . -19.54 4.81 8.43
CL CL F . -19.03 -9.00 -8.41
C1 NAY G . 0.85 -18.55 1.12
O1A NAY G . 0.70 -18.88 -0.06
O1B NAY G . 1.59 -19.13 1.93
C2 NAY G . 0.05 -17.30 1.55
O2 NAY G . -0.94 -17.01 0.84
C3 NAY G . 0.51 -16.53 2.79
C4 NAY G . 0.87 -15.02 2.53
C5 NAY G . 2.31 -14.65 3.03
N NAY G . 3.09 -14.10 1.88
C10 NAY G . 4.41 -14.30 1.80
C11 NAY G . 4.95 -13.87 0.43
O10 NAY G . 5.13 -14.74 2.73
O6 NAY G . 1.70 -14.17 5.31
C6 NAY G . 2.35 -13.56 4.17
C7 NAY G . 3.82 -13.24 4.61
O7 NAY G . 4.48 -14.46 4.93
C8 NAY G . 3.82 -12.30 5.84
O8 NAY G . 2.93 -11.20 5.54
C9 NAY G . 5.21 -11.80 6.20
O9 NAY G . 5.74 -10.97 5.17
C1 GOL H . -7.59 -6.99 24.25
O1 GOL H . -6.37 -6.62 24.89
C2 GOL H . -8.16 -5.79 23.47
O2 GOL H . -7.18 -4.77 23.49
C3 GOL H . -8.47 -6.15 22.02
O3 GOL H . -9.68 -5.54 21.62
C1 GOL I . -7.95 -11.99 23.14
O1 GOL I . -7.59 -13.17 23.84
C2 GOL I . -8.95 -11.17 23.99
O2 GOL I . -8.18 -10.25 24.74
C3 GOL I . -9.90 -10.37 23.08
O3 GOL I . -9.31 -10.28 21.80
#